data_8K2K
#
_entry.id   8K2K
#
_cell.length_a   53.537
_cell.length_b   53.537
_cell.length_c   428.292
_cell.angle_alpha   90.00
_cell.angle_beta   90.00
_cell.angle_gamma   90.00
#
_symmetry.space_group_name_H-M   'P 43 21 2'
#
loop_
_entity.id
_entity.type
_entity.pdbx_description
1 polymer 'Oligosaccharide/Monosaccharide-releasing beta-N-acetylgalactosaminidase'
2 non-polymer (3aR,5R,6R,7R,7aR)-5-(hydroxymethyl)-2-methyl-5,6,7,7a-tetrahydro-3aH-pyrano[3,2-d][1,3]thiazole-6,7-diol
3 non-polymer GLYCEROL
4 non-polymer 'SULFATE ION'
5 non-polymer 'CHLORIDE ION'
6 water water
#
_entity_poly.entity_id   1
_entity_poly.type   'polypeptide(L)'
_entity_poly.pdbx_seq_one_letter_code
;GPGKEDRILKVWTVDPLVKVFRDSEPVTTGQALAEVARGERATLQIVIRCAKPIQELHAKVGPLALGSNAKQVLESAPVR
FVGYVPVDRPIPRPPKDQLRRPPADFPDPLLEEKTIAVDENQVQPIWVTVAVPTNTQPGLYQGSVHISGRVDGRQITTKV
PVAIKVFDIEVGQSRLWVTNWFSMQSRHMKIAPEPDSQQYWALLSRYARNMSEHRQNVVLVSPLSLATFQLDKSSRMEVD
FSRFDRWVRIFIAEGVIGRIEGGHLGGRSSDWESPFVVRIKELREGNIITKSVAPTSEEANQFYAQFLPALVNHLRDRGW
LEKYAQHLADEPVRTNIESYRAISKLVRKYAPELKIIEACHTKDLAGAIDVWVPQLNFLHNDFEHYQKRQRAGDEVWFYT
CIYPQGEYANRFIEQPLLKTRLLHWINYRYGMTGYLHWGYNQWGKDSPFTHTTKQHTGQQYLPAGDPWIVYPGRDGPLDS
IRHEAMCDGIADYELLSMLGERDPEAAKRLVNRHVLDFDRYNCNVEAFRATRLELLELLSRQ
;
_entity_poly.pdbx_strand_id   A
#
loop_
_chem_comp.id
_chem_comp.type
_chem_comp.name
_chem_comp.formula
CL non-polymer 'CHLORIDE ION' 'Cl -1'
GNL non-polymer (3aR,5R,6R,7R,7aR)-5-(hydroxymethyl)-2-methyl-5,6,7,7a-tetrahydro-3aH-pyrano[3,2-d][1,3]thiazole-6,7-diol 'C8 H13 N O4 S'
GOL non-polymer GLYCEROL 'C3 H8 O3'
SO4 non-polymer 'SULFATE ION' 'O4 S -2'
#
# COMPACT_ATOMS: atom_id res chain seq x y z
N LYS A 4 -33.68 -15.27 27.91
CA LYS A 4 -33.01 -16.09 26.85
C LYS A 4 -33.04 -15.38 25.49
N GLU A 5 -34.15 -14.70 25.20
CA GLU A 5 -34.34 -13.93 23.97
C GLU A 5 -33.28 -12.84 23.80
N ASP A 6 -32.90 -12.16 24.90
CA ASP A 6 -31.95 -11.05 24.84
C ASP A 6 -30.51 -11.54 24.67
N ARG A 7 -30.27 -12.83 24.94
CA ARG A 7 -28.95 -13.43 24.83
C ARG A 7 -28.66 -13.94 23.40
N ILE A 8 -29.64 -13.91 22.49
CA ILE A 8 -29.47 -14.48 21.16
C ILE A 8 -28.49 -13.60 20.38
N LEU A 9 -27.47 -14.25 19.82
CA LEU A 9 -26.50 -13.57 18.98
C LEU A 9 -27.09 -13.51 17.58
N LYS A 10 -27.17 -12.31 16.99
CA LYS A 10 -27.51 -12.15 15.58
C LYS A 10 -26.22 -12.21 14.73
N VAL A 11 -26.23 -13.02 13.66
CA VAL A 11 -25.06 -13.35 12.84
C VAL A 11 -25.39 -13.19 11.35
N TRP A 12 -24.53 -12.48 10.62
CA TRP A 12 -24.70 -12.42 9.19
C TRP A 12 -23.35 -12.27 8.49
N THR A 13 -23.34 -12.48 7.18
CA THR A 13 -22.09 -12.33 6.44
C THR A 13 -22.25 -11.15 5.47
N VAL A 14 -21.16 -10.39 5.27
CA VAL A 14 -21.19 -9.18 4.47
C VAL A 14 -19.97 -9.24 3.54
N ASP A 15 -20.16 -8.94 2.25
CA ASP A 15 -19.04 -8.93 1.33
C ASP A 15 -17.90 -8.10 1.94
N PRO A 16 -16.63 -8.55 1.91
CA PRO A 16 -15.54 -7.73 2.44
C PRO A 16 -15.20 -6.41 1.74
N LEU A 17 -15.86 -6.11 0.61
CA LEU A 17 -15.73 -4.82 -0.07
C LEU A 17 -16.75 -3.81 0.45
N VAL A 18 -17.61 -4.25 1.39
CA VAL A 18 -18.62 -3.40 2.01
C VAL A 18 -18.15 -3.06 3.42
N LYS A 19 -18.02 -1.77 3.71
CA LYS A 19 -17.63 -1.35 5.05
C LYS A 19 -18.85 -1.42 5.99
N VAL A 20 -18.63 -1.98 7.18
CA VAL A 20 -19.71 -2.21 8.15
C VAL A 20 -19.53 -1.28 9.32
N PHE A 21 -20.60 -0.52 9.64
CA PHE A 21 -20.59 0.46 10.73
C PHE A 21 -21.23 -0.15 11.98
N ARG A 22 -20.95 0.45 13.15
CA ARG A 22 -21.51 0.01 14.42
C ARG A 22 -23.04 -0.04 14.40
N ASP A 23 -23.69 0.76 13.53
CA ASP A 23 -25.14 0.83 13.49
C ASP A 23 -25.68 0.30 12.16
N SER A 24 -24.90 -0.55 11.46
CA SER A 24 -25.31 -1.09 10.17
C SER A 24 -26.47 -2.09 10.35
N GLU A 25 -27.29 -2.22 9.28
CA GLU A 25 -28.43 -3.12 9.26
C GLU A 25 -27.98 -4.51 8.83
N PRO A 26 -28.55 -5.60 9.41
CA PRO A 26 -28.32 -6.96 8.90
C PRO A 26 -28.71 -7.20 7.44
N VAL A 27 -28.03 -8.18 6.81
CA VAL A 27 -28.15 -8.44 5.38
C VAL A 27 -28.53 -9.91 5.20
N ALA A 32 -21.32 -16.93 3.20
CA ALA A 32 -19.90 -16.51 3.05
C ALA A 32 -19.21 -17.40 2.01
N LEU A 33 -19.08 -16.87 0.79
CA LEU A 33 -18.35 -17.55 -0.27
C LEU A 33 -17.23 -16.62 -0.79
N ALA A 34 -16.06 -17.20 -1.04
CA ALA A 34 -14.98 -16.46 -1.69
C ALA A 34 -14.61 -17.24 -2.95
N GLU A 35 -14.32 -16.50 -4.04
CA GLU A 35 -13.94 -17.08 -5.31
C GLU A 35 -12.54 -16.54 -5.64
N VAL A 36 -11.53 -17.43 -5.74
CA VAL A 36 -10.14 -16.96 -5.89
C VAL A 36 -9.37 -17.88 -6.84
N ALA A 37 -8.29 -17.31 -7.40
CA ALA A 37 -7.25 -18.11 -8.03
C ALA A 37 -6.27 -18.72 -7.01
N ARG A 38 -5.55 -19.75 -7.42
CA ARG A 38 -4.42 -20.21 -6.64
C ARG A 38 -3.39 -19.07 -6.59
N GLY A 39 -2.98 -18.70 -5.38
CA GLY A 39 -1.98 -17.65 -5.20
C GLY A 39 -2.59 -16.35 -4.69
N GLU A 40 -3.94 -16.28 -4.67
CA GLU A 40 -4.65 -15.13 -4.15
C GLU A 40 -4.98 -15.33 -2.66
N ARG A 41 -5.42 -14.24 -2.03
CA ARG A 41 -5.95 -14.28 -0.68
C ARG A 41 -7.48 -14.24 -0.73
N ALA A 42 -8.10 -15.15 0.04
CA ALA A 42 -9.55 -15.16 0.25
C ALA A 42 -9.88 -14.45 1.57
N THR A 43 -10.92 -13.61 1.57
CA THR A 43 -11.33 -12.90 2.77
C THR A 43 -12.82 -13.19 2.97
N LEU A 44 -13.21 -13.41 4.22
CA LEU A 44 -14.60 -13.57 4.63
C LEU A 44 -14.86 -12.61 5.77
N GLN A 45 -16.02 -11.96 5.75
CA GLN A 45 -16.40 -11.00 6.78
C GLN A 45 -17.70 -11.45 7.44
N ILE A 46 -17.58 -11.88 8.70
CA ILE A 46 -18.73 -12.32 9.48
C ILE A 46 -19.06 -11.26 10.51
N VAL A 47 -20.35 -10.89 10.61
CA VAL A 47 -20.74 -9.77 11.45
C VAL A 47 -21.75 -10.24 12.52
N ILE A 48 -21.57 -9.75 13.75
CA ILE A 48 -22.42 -10.14 14.88
C ILE A 48 -22.94 -8.91 15.62
N ARG A 49 -24.05 -9.12 16.37
CA ARG A 49 -24.68 -8.10 17.19
C ARG A 49 -25.47 -8.85 18.27
N CYS A 50 -25.62 -8.22 19.40
CA CYS A 50 -26.31 -8.83 20.54
C CYS A 50 -26.91 -7.72 21.40
N ALA A 51 -28.16 -7.93 21.89
CA ALA A 51 -28.89 -6.91 22.66
C ALA A 51 -28.24 -6.70 24.02
N LYS A 52 -27.38 -7.63 24.44
CA LYS A 52 -26.66 -7.48 25.70
C LYS A 52 -25.16 -7.41 25.44
N PRO A 53 -24.36 -6.90 26.40
CA PRO A 53 -22.91 -6.91 26.27
C PRO A 53 -22.35 -8.32 26.11
N ILE A 54 -21.30 -8.45 25.27
CA ILE A 54 -20.56 -9.69 25.12
C ILE A 54 -19.20 -9.51 25.79
N GLN A 55 -18.76 -10.54 26.53
CA GLN A 55 -17.39 -10.65 27.02
C GLN A 55 -16.69 -11.79 26.29
N GLU A 56 -15.38 -11.61 26.04
CA GLU A 56 -14.51 -12.66 25.51
C GLU A 56 -15.03 -13.24 24.19
N LEU A 57 -15.50 -12.38 23.26
CA LEU A 57 -15.84 -12.82 21.91
C LEU A 57 -14.63 -13.47 21.25
N HIS A 58 -14.82 -14.64 20.64
CA HIS A 58 -13.73 -15.41 20.06
C HIS A 58 -14.28 -16.12 18.83
N ALA A 59 -13.42 -16.32 17.82
CA ALA A 59 -13.77 -17.10 16.64
C ALA A 59 -12.62 -18.04 16.27
N LYS A 60 -12.96 -19.25 15.85
CA LYS A 60 -11.98 -20.26 15.44
C LYS A 60 -12.45 -20.79 14.09
N VAL A 61 -11.55 -20.78 13.11
CA VAL A 61 -11.83 -21.38 11.82
C VAL A 61 -11.58 -22.86 11.89
N GLY A 62 -12.60 -23.65 11.53
CA GLY A 62 -12.49 -25.10 11.48
C GLY A 62 -11.71 -25.51 10.23
N PRO A 63 -11.42 -26.82 10.05
CA PRO A 63 -10.80 -27.29 8.80
C PRO A 63 -11.63 -26.88 7.57
N LEU A 64 -10.96 -26.25 6.59
CA LEU A 64 -11.54 -25.89 5.31
C LEU A 64 -11.03 -26.92 4.30
N ALA A 65 -11.90 -27.90 4.00
CA ALA A 65 -11.49 -29.12 3.30
C ALA A 65 -12.21 -29.25 1.97
N LEU A 66 -11.52 -29.95 1.06
CA LEU A 66 -12.01 -30.26 -0.27
C LEU A 66 -13.07 -31.36 -0.16
N GLY A 67 -14.18 -31.21 -0.89
CA GLY A 67 -15.27 -32.18 -0.84
C GLY A 67 -14.81 -33.59 -1.25
N SER A 68 -13.98 -33.68 -2.30
CA SER A 68 -13.48 -34.95 -2.80
C SER A 68 -12.36 -35.56 -1.96
N ASN A 69 -11.81 -34.84 -0.97
CA ASN A 69 -10.66 -35.33 -0.23
C ASN A 69 -10.47 -34.49 1.02
N ALA A 70 -11.01 -34.96 2.14
CA ALA A 70 -10.99 -34.22 3.38
C ALA A 70 -9.57 -34.02 3.91
N LYS A 71 -8.59 -34.67 3.27
CA LYS A 71 -7.18 -34.53 3.61
C LYS A 71 -6.60 -33.23 3.02
N GLN A 72 -7.17 -32.74 1.93
CA GLN A 72 -6.76 -31.48 1.32
C GLN A 72 -7.45 -30.34 2.07
N VAL A 73 -6.64 -29.56 2.78
CA VAL A 73 -7.13 -28.49 3.63
C VAL A 73 -6.41 -27.18 3.25
N LEU A 74 -7.11 -26.06 3.38
CA LEU A 74 -6.50 -24.73 3.32
C LEU A 74 -6.00 -24.34 4.71
N GLU A 75 -4.96 -23.52 4.79
CA GLU A 75 -4.50 -23.01 6.06
C GLU A 75 -5.05 -21.60 6.26
N SER A 76 -5.75 -21.36 7.38
CA SER A 76 -6.26 -20.03 7.71
C SER A 76 -5.30 -19.27 8.64
N ALA A 77 -5.24 -17.95 8.41
CA ALA A 77 -4.52 -17.02 9.27
C ALA A 77 -5.30 -16.83 10.56
N PRO A 78 -4.66 -16.32 11.64
CA PRO A 78 -5.43 -15.93 12.84
C PRO A 78 -6.56 -14.95 12.54
N VAL A 79 -7.71 -15.16 13.17
CA VAL A 79 -8.87 -14.31 13.02
C VAL A 79 -8.58 -12.91 13.58
N ARG A 80 -9.10 -11.89 12.90
CA ARG A 80 -8.90 -10.52 13.33
C ARG A 80 -10.27 -9.87 13.52
N PHE A 81 -10.33 -8.88 14.40
CA PHE A 81 -11.54 -8.13 14.62
C PHE A 81 -11.37 -6.77 13.94
N VAL A 82 -12.43 -6.33 13.25
CA VAL A 82 -12.44 -4.98 12.70
C VAL A 82 -12.51 -3.94 13.82
N GLY A 83 -11.56 -3.00 13.78
CA GLY A 83 -11.52 -1.88 14.68
C GLY A 83 -12.09 -0.60 14.06
N TYR A 84 -12.52 0.36 14.92
CA TYR A 84 -13.18 1.59 14.51
C TYR A 84 -12.35 2.79 14.92
N VAL A 85 -12.31 3.79 14.03
CA VAL A 85 -11.55 5.02 14.24
C VAL A 85 -12.47 6.22 14.00
N PRO A 86 -12.33 7.27 14.83
CA PRO A 86 -13.15 8.48 14.67
C PRO A 86 -12.60 9.42 13.58
N VAL A 87 -13.37 9.57 12.49
CA VAL A 87 -13.07 10.53 11.44
C VAL A 87 -13.82 11.80 11.74
N ASP A 88 -13.07 12.83 12.15
CA ASP A 88 -13.60 14.00 12.83
C ASP A 88 -13.85 15.10 11.80
N ARG A 89 -13.04 15.09 10.73
CA ARG A 89 -13.12 16.11 9.69
C ARG A 89 -13.06 15.42 8.33
N PRO A 90 -13.77 15.95 7.30
CA PRO A 90 -13.97 15.22 6.05
C PRO A 90 -12.89 15.46 4.98
N ILE A 91 -13.00 14.72 3.88
CA ILE A 91 -12.35 15.12 2.63
C ILE A 91 -12.93 16.49 2.23
N PRO A 92 -12.13 17.57 2.04
CA PRO A 92 -12.73 18.88 1.71
C PRO A 92 -13.54 18.96 0.42
N ARG A 93 -13.14 18.20 -0.62
CA ARG A 93 -13.91 18.05 -1.86
C ARG A 93 -14.37 16.58 -1.96
N PRO A 94 -15.46 16.16 -1.24
CA PRO A 94 -15.78 14.75 -1.10
C PRO A 94 -16.41 14.11 -2.34
N PRO A 95 -16.33 12.77 -2.52
CA PRO A 95 -17.02 12.12 -3.63
C PRO A 95 -18.51 12.08 -3.32
N LYS A 96 -19.31 12.03 -4.39
CA LYS A 96 -20.73 11.75 -4.30
C LYS A 96 -21.04 10.50 -3.48
N ASP A 97 -20.18 9.48 -3.54
CA ASP A 97 -20.42 8.21 -2.86
C ASP A 97 -19.73 8.08 -1.51
N GLN A 98 -19.36 9.19 -0.89
CA GLN A 98 -18.85 9.25 0.48
C GLN A 98 -19.73 8.38 1.36
N LEU A 99 -19.13 7.51 2.20
CA LEU A 99 -19.94 6.46 2.80
C LEU A 99 -20.85 7.00 3.90
N ARG A 100 -20.33 7.93 4.69
CA ARG A 100 -21.04 8.63 5.75
C ARG A 100 -20.38 9.99 5.85
N ARG A 101 -21.10 10.97 6.40
CA ARG A 101 -20.55 12.29 6.61
C ARG A 101 -19.89 12.37 7.98
N PRO A 102 -18.57 12.68 8.04
CA PRO A 102 -17.94 12.98 9.33
C PRO A 102 -18.64 14.14 10.03
N PRO A 103 -18.56 14.24 11.39
CA PRO A 103 -17.85 13.24 12.22
C PRO A 103 -18.57 11.90 12.39
N ALA A 104 -17.79 10.80 12.33
CA ALA A 104 -18.36 9.45 12.45
C ALA A 104 -17.26 8.44 12.68
N ASP A 105 -17.60 7.28 13.27
CA ASP A 105 -16.62 6.19 13.45
C ASP A 105 -16.65 5.23 12.26
N PHE A 106 -15.45 4.95 11.67
CA PHE A 106 -15.34 4.14 10.48
C PHE A 106 -14.54 2.88 10.78
N PRO A 107 -14.84 1.74 10.12
CA PRO A 107 -14.04 0.53 10.25
C PRO A 107 -12.75 0.80 9.47
N ASP A 108 -11.59 0.38 10.00
CA ASP A 108 -10.35 0.46 9.21
C ASP A 108 -9.29 -0.54 9.75
N PRO A 109 -8.75 -0.37 10.98
CA PRO A 109 -7.72 -1.30 11.46
C PRO A 109 -8.24 -2.73 11.64
N LEU A 110 -7.34 -3.70 11.41
CA LEU A 110 -7.57 -5.13 11.67
C LEU A 110 -6.78 -5.50 12.93
N LEU A 111 -7.51 -5.63 14.04
CA LEU A 111 -6.89 -5.83 15.35
C LEU A 111 -6.43 -7.28 15.52
N GLU A 112 -5.38 -7.51 16.34
CA GLU A 112 -4.83 -8.84 16.54
C GLU A 112 -5.01 -9.25 18.01
N GLU A 113 -6.26 -9.29 18.43
CA GLU A 113 -6.65 -9.69 19.78
C GLU A 113 -7.21 -11.10 19.70
N LYS A 114 -6.90 -11.93 20.71
CA LYS A 114 -7.47 -13.26 20.76
C LYS A 114 -8.97 -13.19 21.07
N THR A 115 -9.39 -12.27 21.96
CA THR A 115 -10.77 -12.04 22.33
C THR A 115 -11.02 -10.54 22.54
N ILE A 116 -12.28 -10.09 22.40
CA ILE A 116 -12.63 -8.70 22.62
C ILE A 116 -13.98 -8.65 23.34
N ALA A 117 -14.26 -7.52 23.96
CA ALA A 117 -15.59 -7.21 24.47
C ALA A 117 -16.37 -6.50 23.37
N VAL A 118 -17.71 -6.62 23.42
CA VAL A 118 -18.61 -5.86 22.57
C VAL A 118 -19.72 -5.26 23.44
N ASP A 119 -19.89 -3.94 23.35
CA ASP A 119 -20.98 -3.23 24.01
C ASP A 119 -22.32 -3.63 23.40
N GLU A 120 -23.39 -3.43 24.16
CA GLU A 120 -24.69 -3.90 23.74
C GLU A 120 -25.14 -3.17 22.48
N ASN A 121 -25.76 -3.92 21.56
CA ASN A 121 -26.29 -3.45 20.28
C ASN A 121 -25.25 -2.81 19.36
N GLN A 122 -23.97 -3.15 19.54
CA GLN A 122 -22.91 -2.66 18.67
C GLN A 122 -22.55 -3.77 17.69
N VAL A 123 -22.63 -3.45 16.39
CA VAL A 123 -22.27 -4.41 15.37
C VAL A 123 -20.75 -4.59 15.41
N GLN A 124 -20.30 -5.83 15.33
CA GLN A 124 -18.88 -6.15 15.38
C GLN A 124 -18.51 -7.10 14.24
N PRO A 125 -17.72 -6.63 13.24
CA PRO A 125 -17.16 -7.52 12.23
C PRO A 125 -15.93 -8.34 12.64
N ILE A 126 -15.96 -9.57 12.14
CA ILE A 126 -14.90 -10.56 12.29
C ILE A 126 -14.33 -10.81 10.91
N TRP A 127 -12.99 -10.68 10.77
CA TRP A 127 -12.31 -10.75 9.48
C TRP A 127 -11.45 -12.01 9.36
N VAL A 128 -11.80 -12.88 8.41
CA VAL A 128 -11.10 -14.14 8.17
C VAL A 128 -10.32 -14.05 6.86
N THR A 129 -9.02 -14.32 6.97
CA THR A 129 -8.08 -14.32 5.86
C THR A 129 -7.58 -15.74 5.65
N VAL A 130 -7.66 -16.19 4.39
CA VAL A 130 -7.11 -17.45 3.93
C VAL A 130 -6.19 -17.21 2.72
N ALA A 131 -4.86 -17.27 2.97
CA ALA A 131 -3.89 -17.15 1.89
C ALA A 131 -3.82 -18.49 1.18
N VAL A 132 -4.08 -18.50 -0.14
CA VAL A 132 -4.18 -19.71 -0.92
C VAL A 132 -2.88 -19.86 -1.70
N PRO A 133 -1.94 -20.77 -1.32
CA PRO A 133 -0.69 -20.96 -2.07
C PRO A 133 -0.91 -21.36 -3.54
N THR A 134 0.05 -21.06 -4.43
CA THR A 134 -0.04 -21.47 -5.82
C THR A 134 -0.16 -23.00 -5.97
N ASN A 135 0.35 -23.83 -5.06
CA ASN A 135 0.31 -25.27 -5.33
C ASN A 135 -0.97 -25.91 -4.78
N THR A 136 -1.94 -25.10 -4.32
CA THR A 136 -3.21 -25.61 -3.82
C THR A 136 -3.94 -26.35 -4.94
N GLN A 137 -4.60 -27.47 -4.57
CA GLN A 137 -5.43 -28.22 -5.50
C GLN A 137 -6.71 -27.43 -5.73
N PRO A 138 -7.12 -27.20 -7.00
CA PRO A 138 -8.33 -26.46 -7.29
C PRO A 138 -9.53 -27.26 -6.81
N GLY A 139 -10.62 -26.55 -6.50
CA GLY A 139 -11.83 -27.20 -6.04
C GLY A 139 -12.64 -26.33 -5.08
N LEU A 140 -13.66 -26.94 -4.49
CA LEU A 140 -14.50 -26.25 -3.51
C LEU A 140 -14.18 -26.69 -2.09
N TYR A 141 -13.67 -25.76 -1.29
CA TYR A 141 -13.29 -25.97 0.10
C TYR A 141 -14.40 -25.46 1.00
N GLN A 142 -14.78 -26.27 2.00
CA GLN A 142 -15.89 -25.93 2.87
C GLN A 142 -15.53 -26.24 4.32
N GLY A 143 -16.15 -25.46 5.22
CA GLY A 143 -15.99 -25.62 6.65
C GLY A 143 -16.81 -24.58 7.39
N SER A 144 -16.49 -24.32 8.64
CA SER A 144 -17.27 -23.38 9.42
C SER A 144 -16.38 -22.60 10.37
N VAL A 145 -16.88 -21.45 10.81
CA VAL A 145 -16.26 -20.63 11.83
C VAL A 145 -17.07 -20.74 13.10
N HIS A 146 -16.40 -21.11 14.20
CA HIS A 146 -17.04 -21.26 15.49
C HIS A 146 -16.89 -19.98 16.29
N ILE A 147 -18.02 -19.33 16.61
CA ILE A 147 -18.03 -18.09 17.37
C ILE A 147 -18.51 -18.38 18.79
N SER A 148 -17.73 -17.95 19.78
CA SER A 148 -18.04 -18.17 21.18
C SER A 148 -17.85 -16.89 22.00
N GLY A 149 -18.41 -16.88 23.21
CA GLY A 149 -18.30 -15.74 24.09
C GLY A 149 -19.24 -15.91 25.28
N ARG A 150 -19.31 -14.88 26.13
CA ARG A 150 -20.14 -14.91 27.32
C ARG A 150 -21.10 -13.73 27.30
N VAL A 151 -22.37 -14.03 27.58
CA VAL A 151 -23.44 -13.02 27.67
C VAL A 151 -24.27 -13.34 28.91
N ASP A 152 -24.42 -12.36 29.82
CA ASP A 152 -25.17 -12.56 31.06
C ASP A 152 -24.76 -13.88 31.73
N GLY A 153 -23.46 -14.11 31.93
CA GLY A 153 -23.03 -15.34 32.58
C GLY A 153 -22.81 -16.50 31.61
N ARG A 154 -23.76 -16.75 30.68
CA ARG A 154 -23.79 -18.00 29.94
C ARG A 154 -22.92 -17.94 28.70
N GLN A 155 -22.32 -19.10 28.37
CA GLN A 155 -21.57 -19.29 27.12
C GLN A 155 -22.55 -19.26 25.96
N ILE A 156 -22.23 -18.48 24.92
CA ILE A 156 -22.96 -18.49 23.65
C ILE A 156 -22.04 -19.14 22.60
N THR A 157 -22.60 -19.96 21.69
CA THR A 157 -21.77 -20.52 20.62
C THR A 157 -22.63 -20.81 19.38
N THR A 158 -22.01 -20.63 18.20
CA THR A 158 -22.69 -20.77 16.91
C THR A 158 -21.63 -21.05 15.86
N LYS A 159 -22.00 -21.82 14.84
CA LYS A 159 -21.14 -22.12 13.73
C LYS A 159 -21.68 -21.50 12.45
N VAL A 160 -20.82 -20.75 11.75
CA VAL A 160 -21.17 -20.14 10.46
C VAL A 160 -20.52 -20.91 9.32
N PRO A 161 -21.30 -21.41 8.32
CA PRO A 161 -20.72 -22.14 7.19
C PRO A 161 -20.03 -21.17 6.23
N VAL A 162 -18.88 -21.61 5.73
CA VAL A 162 -18.11 -20.83 4.76
C VAL A 162 -17.63 -21.75 3.64
N ALA A 163 -17.35 -21.14 2.48
CA ALA A 163 -16.85 -21.87 1.33
C ALA A 163 -15.86 -20.99 0.58
N ILE A 164 -14.83 -21.60 0.06
CA ILE A 164 -13.87 -20.94 -0.81
C ILE A 164 -13.72 -21.77 -2.06
N LYS A 165 -14.08 -21.21 -3.23
CA LYS A 165 -13.83 -21.90 -4.48
C LYS A 165 -12.48 -21.42 -5.07
N VAL A 166 -11.54 -22.38 -5.19
CA VAL A 166 -10.21 -22.16 -5.75
C VAL A 166 -10.24 -22.59 -7.22
N PHE A 167 -10.04 -21.63 -8.11
CA PHE A 167 -10.06 -21.84 -9.55
C PHE A 167 -8.67 -22.31 -10.00
N ASP A 168 -8.66 -23.12 -11.06
CA ASP A 168 -7.42 -23.68 -11.59
C ASP A 168 -6.74 -22.65 -12.50
N ILE A 169 -6.23 -21.60 -11.86
CA ILE A 169 -5.49 -20.52 -12.50
C ILE A 169 -4.47 -20.07 -11.46
N GLU A 170 -3.19 -19.98 -11.86
CA GLU A 170 -2.10 -19.67 -10.95
C GLU A 170 -1.74 -18.19 -11.09
N VAL A 171 -1.82 -17.43 -9.98
CA VAL A 171 -1.37 -16.05 -9.91
C VAL A 171 -0.10 -16.05 -9.06
N GLY A 172 1.06 -15.90 -9.72
CA GLY A 172 2.31 -15.82 -8.98
C GLY A 172 2.57 -14.36 -8.60
N GLN A 173 3.82 -13.95 -8.78
CA GLN A 173 4.18 -12.55 -8.58
C GLN A 173 3.38 -11.71 -9.58
N SER A 174 2.82 -10.59 -9.10
CA SER A 174 2.20 -9.64 -10.01
C SER A 174 3.30 -8.85 -10.72
N ARG A 175 3.15 -8.63 -12.05
CA ARG A 175 4.11 -7.87 -12.84
C ARG A 175 4.02 -6.37 -12.54
N LEU A 176 2.96 -5.88 -11.86
CA LEU A 176 2.84 -4.48 -11.45
C LEU A 176 3.90 -4.09 -10.42
N TRP A 177 4.52 -2.92 -10.61
CA TRP A 177 5.45 -2.34 -9.63
C TRP A 177 4.67 -1.50 -8.64
N VAL A 178 4.89 -1.80 -7.33
CA VAL A 178 4.17 -1.12 -6.26
C VAL A 178 5.13 -0.70 -5.15
N THR A 179 5.11 0.61 -4.83
CA THR A 179 5.84 1.16 -3.70
C THR A 179 4.88 1.90 -2.77
N ASN A 180 5.08 1.66 -1.48
CA ASN A 180 4.48 2.45 -0.39
C ASN A 180 5.63 2.94 0.49
N TRP A 181 5.86 4.26 0.54
CA TRP A 181 7.01 4.81 1.23
C TRP A 181 6.85 4.56 2.73
N PHE A 182 7.93 4.08 3.35
CA PHE A 182 7.91 3.49 4.68
C PHE A 182 8.91 4.20 5.59
N SER A 183 8.50 4.45 6.83
CA SER A 183 9.36 5.03 7.83
C SER A 183 9.66 4.00 8.90
N MET A 184 10.95 3.67 9.08
CA MET A 184 11.32 2.73 10.12
C MET A 184 11.19 3.40 11.49
N GLN A 185 10.09 3.12 12.20
CA GLN A 185 9.78 3.75 13.47
C GLN A 185 8.93 2.76 14.29
N SER A 186 8.91 2.95 15.62
CA SER A 186 8.16 2.09 16.52
C SER A 186 7.18 2.88 17.39
N ARG A 187 6.87 4.14 16.96
CA ARG A 187 5.90 4.96 17.67
C ARG A 187 4.60 4.23 17.92
N HIS A 188 4.12 4.31 19.18
CA HIS A 188 2.82 3.80 19.60
C HIS A 188 2.81 2.29 19.77
N MET A 189 3.94 1.63 19.52
CA MET A 189 4.03 0.20 19.71
C MET A 189 4.34 -0.08 21.20
N LYS A 190 4.33 -1.34 21.60
CA LYS A 190 4.73 -1.72 22.95
C LYS A 190 6.24 -2.02 23.04
N ILE A 191 6.96 -1.80 21.93
CA ILE A 191 8.41 -1.98 21.87
C ILE A 191 8.98 -0.61 21.49
N ALA A 192 10.27 -0.39 21.76
CA ALA A 192 10.93 0.83 21.34
C ALA A 192 12.40 0.56 21.03
N PRO A 193 12.74 -0.24 20.01
CA PRO A 193 14.14 -0.61 19.78
C PRO A 193 15.01 0.57 19.36
N GLU A 194 16.25 0.58 19.90
CA GLU A 194 17.30 1.50 19.45
C GLU A 194 17.89 1.07 18.11
N PRO A 195 18.35 2.03 17.25
CA PRO A 195 19.08 1.68 16.04
C PRO A 195 20.19 0.67 16.33
N ASP A 196 20.36 -0.27 15.39
CA ASP A 196 21.42 -1.27 15.39
C ASP A 196 21.24 -2.35 16.45
N SER A 197 20.15 -2.31 17.23
CA SER A 197 19.83 -3.41 18.15
C SER A 197 19.28 -4.61 17.38
N GLN A 198 19.36 -5.80 18.01
CA GLN A 198 18.74 -6.97 17.38
C GLN A 198 17.22 -6.74 17.12
N GLN A 199 16.52 -6.15 18.10
CA GLN A 199 15.08 -5.94 17.98
C GLN A 199 14.76 -4.95 16.85
N TYR A 200 15.65 -3.97 16.62
CA TYR A 200 15.49 -3.01 15.51
C TYR A 200 15.48 -3.76 14.17
N TRP A 201 16.48 -4.61 13.94
CA TRP A 201 16.56 -5.36 12.70
C TRP A 201 15.43 -6.38 12.59
N ALA A 202 14.96 -6.97 13.71
CA ALA A 202 13.84 -7.90 13.69
C ALA A 202 12.54 -7.17 13.30
N LEU A 203 12.34 -5.96 13.83
CA LEU A 203 11.15 -5.19 13.49
C LEU A 203 11.20 -4.75 12.01
N LEU A 204 12.37 -4.31 11.53
CA LEU A 204 12.53 -4.01 10.10
C LEU A 204 12.12 -5.20 9.24
N SER A 205 12.57 -6.43 9.59
CA SER A 205 12.20 -7.64 8.87
C SER A 205 10.70 -7.90 8.91
N ARG A 206 10.06 -7.62 10.06
CA ARG A 206 8.62 -7.79 10.19
C ARG A 206 7.86 -6.81 9.27
N TYR A 207 8.29 -5.56 9.20
CA TYR A 207 7.68 -4.66 8.24
C TYR A 207 7.86 -5.17 6.80
N ALA A 208 9.09 -5.59 6.46
CA ALA A 208 9.37 -6.09 5.10
C ALA A 208 8.47 -7.26 4.73
N ARG A 209 8.25 -8.16 5.68
CA ARG A 209 7.39 -9.32 5.43
C ARG A 209 5.94 -8.88 5.21
N ASN A 210 5.45 -7.95 6.03
CA ASN A 210 4.11 -7.39 5.84
C ASN A 210 3.95 -6.81 4.43
N MET A 211 4.97 -6.05 4.00
CA MET A 211 4.92 -5.42 2.70
C MET A 211 4.90 -6.47 1.59
N SER A 212 5.77 -7.49 1.65
CA SER A 212 5.76 -8.49 0.58
C SER A 212 4.46 -9.30 0.56
N GLU A 213 3.88 -9.61 1.73
CA GLU A 213 2.65 -10.37 1.81
C GLU A 213 1.48 -9.56 1.21
N HIS A 214 1.67 -8.27 1.01
CA HIS A 214 0.64 -7.43 0.39
C HIS A 214 1.03 -6.99 -1.03
N ARG A 215 2.03 -7.64 -1.62
CA ARG A 215 2.44 -7.52 -3.02
C ARG A 215 3.15 -6.20 -3.35
N GLN A 216 3.76 -5.59 -2.33
CA GLN A 216 4.75 -4.55 -2.55
C GLN A 216 6.04 -5.18 -3.00
N ASN A 217 6.68 -4.60 -4.03
CA ASN A 217 7.88 -5.17 -4.66
C ASN A 217 8.91 -4.08 -5.00
N VAL A 218 8.77 -2.94 -4.32
CA VAL A 218 9.69 -1.81 -4.43
C VAL A 218 9.80 -1.23 -3.03
N VAL A 219 11.02 -0.87 -2.61
CA VAL A 219 11.18 -0.16 -1.35
C VAL A 219 12.07 1.07 -1.53
N LEU A 220 11.67 2.16 -0.88
CA LEU A 220 12.49 3.38 -0.83
C LEU A 220 13.55 3.33 0.29
N VAL A 221 14.81 3.44 -0.11
CA VAL A 221 15.99 3.32 0.73
C VAL A 221 16.95 4.47 0.40
N SER A 222 17.35 5.29 1.40
CA SER A 222 18.19 6.45 1.12
C SER A 222 19.68 6.09 1.06
N PRO A 223 20.38 6.34 -0.06
CA PRO A 223 21.83 6.13 -0.12
C PRO A 223 22.62 7.23 0.62
N LEU A 224 21.95 8.32 1.01
CA LEU A 224 22.63 9.38 1.75
C LEU A 224 22.53 9.15 3.25
N SER A 225 21.31 8.94 3.76
CA SER A 225 21.18 8.78 5.20
C SER A 225 21.60 7.40 5.70
N LEU A 226 21.69 6.37 4.84
CA LEU A 226 22.12 5.06 5.29
C LEU A 226 23.58 4.76 4.91
N ALA A 227 24.36 5.80 4.67
CA ALA A 227 25.79 5.67 4.46
C ALA A 227 26.53 6.51 5.49
N THR A 228 27.80 6.17 5.71
CA THR A 228 28.67 7.06 6.46
C THR A 228 29.83 7.53 5.58
N PHE A 229 30.36 8.72 5.89
CA PHE A 229 31.30 9.37 5.00
C PHE A 229 32.63 9.65 5.71
N GLN A 230 33.75 9.52 4.99
CA GLN A 230 35.04 10.03 5.44
C GLN A 230 35.63 10.89 4.34
N LEU A 231 36.13 12.08 4.68
CA LEU A 231 36.38 13.15 3.71
C LEU A 231 37.76 13.79 3.99
N ASP A 232 38.86 13.14 3.55
CA ASP A 232 40.21 13.73 3.61
C ASP A 232 40.26 14.99 2.75
N MET A 237 36.98 11.31 -1.04
CA MET A 237 35.85 10.84 -0.20
C MET A 237 35.79 9.31 -0.17
N GLU A 238 35.47 8.78 1.01
CA GLU A 238 35.17 7.37 1.17
C GLU A 238 33.74 7.23 1.67
N VAL A 239 32.98 6.31 1.07
CA VAL A 239 31.59 6.12 1.46
C VAL A 239 31.43 4.67 1.91
N ASP A 240 30.82 4.49 3.08
CA ASP A 240 30.52 3.18 3.63
C ASP A 240 29.01 2.96 3.55
N PHE A 241 28.60 2.02 2.70
CA PHE A 241 27.20 1.68 2.53
C PHE A 241 26.74 0.46 3.34
N SER A 242 27.41 0.10 4.43
CA SER A 242 27.02 -1.06 5.25
C SER A 242 25.54 -1.08 5.68
N ARG A 243 25.04 0.06 6.19
CA ARG A 243 23.69 0.11 6.72
C ARG A 243 22.70 -0.06 5.59
N PHE A 244 22.92 0.68 4.49
CA PHE A 244 22.15 0.57 3.26
C PHE A 244 22.08 -0.88 2.81
N ASP A 245 23.24 -1.56 2.75
CA ASP A 245 23.28 -2.95 2.30
C ASP A 245 22.49 -3.86 3.24
N ARG A 246 22.51 -3.62 4.55
CA ARG A 246 21.73 -4.45 5.47
C ARG A 246 20.21 -4.31 5.19
N TRP A 247 19.75 -3.08 4.97
CA TRP A 247 18.37 -2.83 4.58
C TRP A 247 18.03 -3.62 3.31
N VAL A 248 18.83 -3.46 2.26
CA VAL A 248 18.56 -4.09 0.98
C VAL A 248 18.50 -5.61 1.16
N ARG A 249 19.46 -6.19 1.87
CA ARG A 249 19.45 -7.64 2.12
C ARG A 249 18.18 -8.15 2.79
N ILE A 250 17.73 -7.42 3.81
CA ILE A 250 16.49 -7.75 4.53
C ILE A 250 15.30 -7.70 3.58
N PHE A 251 15.22 -6.67 2.71
CA PHE A 251 14.07 -6.53 1.83
C PHE A 251 14.12 -7.55 0.69
N ILE A 252 15.32 -8.04 0.29
CA ILE A 252 15.42 -9.17 -0.62
C ILE A 252 14.95 -10.44 0.07
N ALA A 253 15.42 -10.63 1.30
CA ALA A 253 15.19 -11.89 2.00
C ALA A 253 13.71 -12.07 2.28
N GLU A 254 13.01 -10.97 2.63
CA GLU A 254 11.60 -11.05 2.95
C GLU A 254 10.71 -11.05 1.72
N GLY A 255 11.28 -10.93 0.50
CA GLY A 255 10.52 -11.12 -0.74
C GLY A 255 9.95 -9.82 -1.33
N VAL A 256 10.43 -8.65 -0.91
CA VAL A 256 10.02 -7.39 -1.52
C VAL A 256 10.83 -7.13 -2.77
N ILE A 257 12.17 -7.03 -2.63
CA ILE A 257 13.01 -6.61 -3.75
C ILE A 257 13.23 -7.79 -4.68
N GLY A 258 12.85 -7.66 -5.98
CA GLY A 258 12.13 -6.54 -6.59
C GLY A 258 13.02 -5.40 -7.05
N ARG A 259 12.58 -4.15 -6.79
CA ARG A 259 13.33 -2.95 -7.15
C ARG A 259 13.63 -2.06 -5.94
N ILE A 260 14.72 -1.29 -6.09
CA ILE A 260 15.23 -0.39 -5.06
C ILE A 260 14.99 1.03 -5.54
N GLU A 261 14.27 1.80 -4.73
CA GLU A 261 13.96 3.18 -5.02
C GLU A 261 14.87 4.04 -4.16
N GLY A 262 15.82 4.71 -4.79
CA GLY A 262 16.77 5.55 -4.09
C GLY A 262 16.12 6.81 -3.52
N GLY A 263 16.31 7.00 -2.23
CA GLY A 263 15.83 8.19 -1.50
C GLY A 263 16.34 9.50 -2.11
N HIS A 264 15.48 10.54 -2.00
CA HIS A 264 15.67 11.83 -2.61
C HIS A 264 16.97 12.50 -2.19
N LEU A 265 17.67 13.11 -3.19
CA LEU A 265 18.91 13.85 -2.99
C LEU A 265 18.68 15.27 -2.48
N GLY A 266 17.48 15.81 -2.70
CA GLY A 266 17.21 17.20 -2.50
C GLY A 266 15.72 17.42 -2.14
N GLY A 267 15.39 18.69 -1.94
CA GLY A 267 14.04 19.07 -1.59
C GLY A 267 13.87 20.58 -1.66
N ARG A 268 12.65 21.05 -1.39
CA ARG A 268 12.33 22.46 -1.45
C ARG A 268 13.13 23.22 -0.38
N SER A 269 13.70 24.34 -0.77
CA SER A 269 14.42 25.23 0.12
C SER A 269 13.46 25.87 1.14
N SER A 270 12.20 26.14 0.75
CA SER A 270 11.19 26.64 1.71
C SER A 270 9.79 26.17 1.35
N ASP A 271 8.99 27.05 0.73
CA ASP A 271 7.57 26.85 0.53
C ASP A 271 7.31 26.14 -0.80
N TRP A 272 6.04 26.04 -1.21
CA TRP A 272 5.64 25.18 -2.33
C TRP A 272 6.31 25.55 -3.65
N GLU A 273 6.47 26.85 -3.96
CA GLU A 273 7.07 27.19 -5.25
C GLU A 273 8.56 27.48 -5.17
N SER A 274 9.18 27.25 -4.02
CA SER A 274 10.57 27.62 -3.83
C SER A 274 11.49 26.73 -4.65
N PRO A 275 12.72 27.20 -4.92
CA PRO A 275 13.68 26.38 -5.65
C PRO A 275 14.13 25.17 -4.84
N PHE A 276 14.49 24.10 -5.55
CA PHE A 276 15.11 22.91 -4.96
C PHE A 276 16.58 23.16 -4.59
N VAL A 277 16.97 22.57 -3.46
CA VAL A 277 18.35 22.49 -2.97
C VAL A 277 18.72 21.02 -2.84
N VAL A 278 20.02 20.68 -2.85
CA VAL A 278 20.47 19.28 -2.71
C VAL A 278 21.27 19.15 -1.43
N ARG A 279 21.19 17.96 -0.81
CA ARG A 279 21.96 17.70 0.38
C ARG A 279 23.38 17.29 -0.01
N ILE A 280 24.35 17.80 0.73
CA ILE A 280 25.75 17.41 0.58
C ILE A 280 26.34 17.11 1.96
N LYS A 281 27.50 16.49 1.90
CA LYS A 281 28.29 16.25 3.11
C LYS A 281 29.61 16.95 2.96
N GLU A 282 30.05 17.61 4.07
CA GLU A 282 31.27 18.38 4.05
C GLU A 282 32.03 18.15 5.35
N LEU A 283 33.36 18.28 5.28
CA LEU A 283 34.14 18.31 6.52
C LEU A 283 34.24 19.75 7.02
N ARG A 284 33.74 20.00 8.25
CA ARG A 284 33.85 21.32 8.90
C ARG A 284 34.31 21.13 10.35
N GLU A 285 35.47 21.70 10.69
CA GLU A 285 36.02 21.65 12.05
C GLU A 285 36.03 20.21 12.56
N GLY A 286 36.55 19.33 11.71
CA GLY A 286 36.78 17.95 12.12
C GLY A 286 35.58 17.01 12.06
N ASN A 287 34.38 17.53 11.74
CA ASN A 287 33.16 16.74 11.77
C ASN A 287 32.59 16.71 10.36
N ILE A 288 31.98 15.58 9.99
CA ILE A 288 31.12 15.52 8.82
C ILE A 288 29.81 16.24 9.14
N ILE A 289 29.48 17.22 8.31
CA ILE A 289 28.21 17.90 8.47
C ILE A 289 27.42 17.79 7.15
N THR A 290 26.11 17.95 7.27
CA THR A 290 25.18 17.83 6.14
C THR A 290 24.54 19.20 5.97
N LYS A 291 24.52 19.71 4.74
CA LYS A 291 23.80 20.95 4.50
C LYS A 291 23.18 20.91 3.11
N SER A 292 22.25 21.84 2.91
CA SER A 292 21.58 22.00 1.62
C SER A 292 22.19 23.16 0.85
N VAL A 293 22.46 22.93 -0.45
CA VAL A 293 23.01 23.94 -1.34
C VAL A 293 22.30 23.96 -2.69
N ALA A 294 22.50 25.06 -3.44
CA ALA A 294 21.94 25.15 -4.78
C ALA A 294 22.60 24.09 -5.67
N PRO A 295 21.80 23.41 -6.54
CA PRO A 295 22.37 22.36 -7.38
C PRO A 295 23.41 22.81 -8.40
N THR A 296 23.45 24.12 -8.72
CA THR A 296 24.44 24.70 -9.62
C THR A 296 25.71 25.16 -8.88
N SER A 297 25.75 25.01 -7.55
CA SER A 297 26.89 25.48 -6.76
C SER A 297 28.12 24.63 -7.01
N GLU A 298 29.29 25.22 -6.66
CA GLU A 298 30.52 24.46 -6.70
C GLU A 298 30.51 23.39 -5.60
N GLU A 299 29.94 23.69 -4.42
CA GLU A 299 29.84 22.71 -3.34
C GLU A 299 29.02 21.48 -3.76
N ALA A 300 27.93 21.66 -4.53
CA ALA A 300 27.12 20.54 -5.04
C ALA A 300 27.94 19.69 -6.02
N ASN A 301 28.67 20.38 -6.89
CA ASN A 301 29.48 19.73 -7.90
C ASN A 301 30.59 18.89 -7.25
N GLN A 302 31.27 19.46 -6.26
CA GLN A 302 32.37 18.77 -5.59
C GLN A 302 31.89 17.49 -4.91
N PHE A 303 30.75 17.56 -4.20
CA PHE A 303 30.21 16.42 -3.50
C PHE A 303 29.75 15.32 -4.47
N TYR A 304 28.87 15.69 -5.43
CA TYR A 304 28.20 14.74 -6.30
C TYR A 304 29.21 14.14 -7.30
N ALA A 305 30.30 14.84 -7.63
CA ALA A 305 31.31 14.27 -8.53
C ALA A 305 31.97 13.04 -7.92
N GLN A 306 31.99 12.93 -6.57
CA GLN A 306 32.54 11.75 -5.93
C GLN A 306 31.47 10.77 -5.42
N PHE A 307 30.35 11.28 -4.90
CA PHE A 307 29.35 10.41 -4.32
C PHE A 307 28.64 9.57 -5.40
N LEU A 308 28.25 10.19 -6.52
CA LEU A 308 27.48 9.42 -7.51
C LEU A 308 28.31 8.26 -8.08
N PRO A 309 29.58 8.45 -8.49
CA PRO A 309 30.34 7.29 -8.97
C PRO A 309 30.53 6.19 -7.94
N ALA A 310 30.66 6.56 -6.67
CA ALA A 310 30.77 5.62 -5.56
C ALA A 310 29.49 4.80 -5.44
N LEU A 311 28.33 5.47 -5.54
CA LEU A 311 27.06 4.79 -5.52
C LEU A 311 26.96 3.80 -6.68
N VAL A 312 27.20 4.26 -7.92
CA VAL A 312 27.10 3.40 -9.07
C VAL A 312 28.06 2.19 -8.97
N ASN A 313 29.30 2.43 -8.57
CA ASN A 313 30.28 1.35 -8.42
C ASN A 313 29.81 0.34 -7.36
N HIS A 314 29.24 0.84 -6.27
CA HIS A 314 28.77 0.00 -5.18
C HIS A 314 27.60 -0.85 -5.68
N LEU A 315 26.60 -0.23 -6.35
CA LEU A 315 25.47 -1.00 -6.82
C LEU A 315 25.88 -2.07 -7.84
N ARG A 316 26.79 -1.70 -8.76
CA ARG A 316 27.23 -2.64 -9.78
C ARG A 316 27.95 -3.81 -9.10
N ASP A 317 28.81 -3.54 -8.11
CA ASP A 317 29.59 -4.62 -7.51
C ASP A 317 28.67 -5.60 -6.77
N ARG A 318 27.55 -5.11 -6.22
CA ARG A 318 26.61 -5.94 -5.48
C ARG A 318 25.54 -6.58 -6.38
N GLY A 319 25.49 -6.23 -7.67
CA GLY A 319 24.55 -6.83 -8.60
C GLY A 319 23.16 -6.19 -8.51
N TRP A 320 23.13 -4.91 -8.09
CA TRP A 320 21.88 -4.22 -7.77
C TRP A 320 21.62 -3.02 -8.68
N LEU A 321 22.57 -2.69 -9.58
CA LEU A 321 22.43 -1.47 -10.38
C LEU A 321 21.18 -1.50 -11.28
N GLU A 322 20.86 -2.65 -11.88
CA GLU A 322 19.73 -2.72 -12.80
C GLU A 322 18.40 -2.81 -12.07
N LYS A 323 18.41 -2.97 -10.75
CA LYS A 323 17.21 -2.96 -9.91
C LYS A 323 16.91 -1.57 -9.33
N TYR A 324 17.78 -0.59 -9.56
CA TYR A 324 17.76 0.65 -8.79
C TYR A 324 17.29 1.81 -9.66
N ALA A 325 16.51 2.73 -9.08
CA ALA A 325 16.22 4.01 -9.70
C ALA A 325 16.36 5.11 -8.64
N GLN A 326 16.95 6.25 -8.98
CA GLN A 326 17.25 7.34 -8.06
C GLN A 326 16.22 8.46 -8.11
N HIS A 327 15.64 8.84 -6.95
CA HIS A 327 14.85 10.06 -6.82
C HIS A 327 15.72 11.32 -6.68
N LEU A 328 15.29 12.43 -7.28
CA LEU A 328 16.07 13.67 -7.16
C LEU A 328 15.48 14.54 -6.05
N ALA A 329 14.21 14.93 -6.22
CA ALA A 329 13.51 15.85 -5.33
C ALA A 329 12.02 15.75 -5.65
N ASP A 330 11.21 15.77 -4.59
CA ASP A 330 9.81 15.38 -4.74
C ASP A 330 8.94 16.46 -5.39
N GLU A 331 8.01 16.02 -6.24
CA GLU A 331 6.92 16.84 -6.78
C GLU A 331 7.38 18.15 -7.40
N PRO A 332 8.22 18.10 -8.45
CA PRO A 332 8.53 19.31 -9.20
C PRO A 332 7.28 19.87 -9.87
N VAL A 333 7.23 21.21 -9.85
CA VAL A 333 6.19 22.02 -10.45
C VAL A 333 6.84 22.99 -11.45
N ARG A 334 6.00 23.64 -12.29
CA ARG A 334 6.54 24.53 -13.31
C ARG A 334 7.43 25.60 -12.71
N THR A 335 7.07 26.15 -11.54
CA THR A 335 7.79 27.31 -11.03
C THR A 335 9.15 26.96 -10.42
N ASN A 336 9.42 25.67 -10.11
CA ASN A 336 10.78 25.33 -9.68
C ASN A 336 11.44 24.33 -10.64
N ILE A 337 11.06 24.33 -11.92
CA ILE A 337 11.59 23.37 -12.86
C ILE A 337 13.10 23.56 -13.14
N GLU A 338 13.60 24.80 -13.11
CA GLU A 338 15.01 25.03 -13.45
C GLU A 338 15.95 24.42 -12.41
N SER A 339 15.61 24.55 -11.12
CA SER A 339 16.46 23.98 -10.08
C SER A 339 16.33 22.46 -10.11
N TYR A 340 15.14 21.95 -10.47
CA TYR A 340 14.99 20.51 -10.63
C TYR A 340 15.89 19.97 -11.73
N ARG A 341 15.86 20.64 -12.89
CA ARG A 341 16.65 20.23 -14.02
C ARG A 341 18.14 20.29 -13.69
N ALA A 342 18.58 21.23 -12.86
CA ALA A 342 19.98 21.29 -12.43
C ALA A 342 20.41 20.08 -11.58
N ILE A 343 19.50 19.51 -10.76
CA ILE A 343 19.80 18.24 -10.09
C ILE A 343 20.00 17.12 -11.13
N SER A 344 19.05 17.01 -12.06
CA SER A 344 19.12 16.01 -13.10
C SER A 344 20.44 16.13 -13.86
N LYS A 345 20.87 17.33 -14.16
CA LYS A 345 22.09 17.50 -14.91
C LYS A 345 23.30 16.90 -14.17
N LEU A 346 23.34 17.05 -12.82
CA LEU A 346 24.43 16.49 -12.02
C LEU A 346 24.46 14.98 -12.16
N VAL A 347 23.27 14.35 -12.04
CA VAL A 347 23.18 12.90 -12.06
C VAL A 347 23.51 12.38 -13.46
N ARG A 348 22.98 13.00 -14.53
CA ARG A 348 23.28 12.58 -15.91
C ARG A 348 24.79 12.69 -16.17
N LYS A 349 25.41 13.74 -15.65
CA LYS A 349 26.84 13.98 -15.84
C LYS A 349 27.74 12.94 -15.16
N TYR A 350 27.51 12.71 -13.84
CA TYR A 350 28.42 11.92 -13.03
C TYR A 350 27.96 10.46 -12.90
N ALA A 351 26.69 10.18 -13.21
CA ALA A 351 26.15 8.83 -13.14
C ALA A 351 25.23 8.58 -14.31
N PRO A 352 25.74 8.59 -15.57
CA PRO A 352 24.87 8.43 -16.75
C PRO A 352 24.10 7.10 -16.82
N GLU A 353 24.59 6.06 -16.11
CA GLU A 353 23.99 4.73 -16.07
C GLU A 353 22.79 4.63 -15.12
N LEU A 354 22.65 5.57 -14.17
CA LEU A 354 21.58 5.52 -13.16
C LEU A 354 20.25 5.92 -13.76
N LYS A 355 19.24 5.07 -13.58
CA LYS A 355 17.86 5.42 -13.87
C LYS A 355 17.34 6.41 -12.81
N ILE A 356 16.50 7.34 -13.24
CA ILE A 356 15.94 8.41 -12.39
C ILE A 356 14.41 8.28 -12.36
N ILE A 357 13.84 8.38 -11.15
CA ILE A 357 12.41 8.26 -10.90
C ILE A 357 11.92 9.53 -10.21
N GLU A 358 10.69 9.98 -10.49
CA GLU A 358 10.14 11.05 -9.68
C GLU A 358 8.61 11.07 -9.73
N ALA A 359 8.02 11.33 -8.55
CA ALA A 359 6.64 11.77 -8.47
C ALA A 359 6.59 13.22 -8.87
N CYS A 360 5.75 13.51 -9.87
CA CYS A 360 5.87 14.75 -10.60
C CYS A 360 4.50 15.39 -10.84
N HIS A 361 4.54 16.73 -10.88
CA HIS A 361 3.42 17.53 -11.40
C HIS A 361 3.73 18.09 -12.80
N THR A 362 4.84 18.81 -12.93
CA THR A 362 5.26 19.28 -14.25
C THR A 362 5.58 18.08 -15.17
N LYS A 363 5.20 18.23 -16.44
CA LYS A 363 5.47 17.22 -17.45
C LYS A 363 6.72 17.55 -18.27
N ASP A 364 7.36 18.72 -18.07
CA ASP A 364 8.37 19.22 -19.02
CA ASP A 364 8.37 19.23 -19.00
C ASP A 364 9.76 18.71 -18.60
N LEU A 365 9.91 17.40 -18.51
CA LEU A 365 11.12 16.76 -17.97
C LEU A 365 11.70 15.69 -18.90
N ALA A 366 11.35 15.71 -20.19
CA ALA A 366 11.88 14.73 -21.13
C ALA A 366 13.41 14.78 -21.15
N GLY A 367 14.02 13.61 -21.05
CA GLY A 367 15.47 13.48 -20.93
C GLY A 367 16.01 13.55 -19.50
N ALA A 368 15.23 14.15 -18.59
CA ALA A 368 15.68 14.44 -17.22
C ALA A 368 15.33 13.30 -16.25
N ILE A 369 14.30 12.52 -16.60
CA ILE A 369 13.87 11.40 -15.76
C ILE A 369 13.52 10.22 -16.66
N ASP A 370 13.53 9.00 -16.08
CA ASP A 370 13.31 7.77 -16.82
C ASP A 370 12.03 7.06 -16.43
N VAL A 371 11.68 7.18 -15.14
CA VAL A 371 10.45 6.63 -14.57
C VAL A 371 9.60 7.80 -14.09
N TRP A 372 8.53 8.09 -14.88
CA TRP A 372 7.62 9.16 -14.58
C TRP A 372 6.57 8.64 -13.60
N VAL A 373 6.22 9.44 -12.59
CA VAL A 373 5.15 9.04 -11.66
C VAL A 373 4.24 10.25 -11.44
N PRO A 374 3.44 10.61 -12.47
CA PRO A 374 2.50 11.70 -12.30
C PRO A 374 1.43 11.38 -11.26
N GLN A 375 0.92 12.43 -10.66
CA GLN A 375 -0.27 12.33 -9.81
C GLN A 375 -1.47 11.99 -10.70
N LEU A 376 -2.41 11.18 -10.22
CA LEU A 376 -3.44 10.57 -11.08
C LEU A 376 -4.20 11.60 -11.95
N ASN A 377 -4.62 12.72 -11.39
CA ASN A 377 -5.37 13.73 -12.13
C ASN A 377 -4.49 14.44 -13.17
N PHE A 378 -3.21 14.64 -12.85
CA PHE A 378 -2.22 15.18 -13.79
C PHE A 378 -1.97 14.20 -14.93
N LEU A 379 -1.91 12.88 -14.65
CA LEU A 379 -1.82 11.88 -15.70
C LEU A 379 -3.04 11.97 -16.65
N HIS A 380 -4.24 12.04 -16.08
CA HIS A 380 -5.46 12.13 -16.87
C HIS A 380 -5.39 13.34 -17.80
N ASN A 381 -4.99 14.47 -17.24
CA ASN A 381 -4.97 15.74 -17.97
C ASN A 381 -3.88 15.77 -19.06
N ASP A 382 -2.77 15.04 -18.90
CA ASP A 382 -1.63 15.06 -19.81
C ASP A 382 -1.42 13.65 -20.38
N PHE A 383 -2.50 12.90 -20.66
CA PHE A 383 -2.34 11.48 -21.00
C PHE A 383 -1.56 11.32 -22.31
N GLU A 384 -1.77 12.24 -23.28
CA GLU A 384 -1.09 12.07 -24.56
C GLU A 384 0.42 12.21 -24.42
N HIS A 385 0.87 13.17 -23.61
CA HIS A 385 2.28 13.31 -23.25
C HIS A 385 2.85 12.02 -22.65
N TYR A 386 2.13 11.42 -21.69
CA TYR A 386 2.63 10.22 -21.02
C TYR A 386 2.67 9.00 -21.95
N GLN A 387 1.68 8.86 -22.83
CA GLN A 387 1.75 7.78 -23.79
C GLN A 387 2.92 7.97 -24.76
N LYS A 388 3.20 9.21 -25.17
CA LYS A 388 4.38 9.48 -25.98
C LYS A 388 5.67 9.07 -25.23
N ARG A 389 5.77 9.38 -23.92
CA ARG A 389 6.96 8.99 -23.17
C ARG A 389 7.13 7.46 -23.19
N GLN A 390 6.02 6.75 -23.06
CA GLN A 390 6.06 5.29 -23.16
C GLN A 390 6.59 4.83 -24.53
N ARG A 391 6.08 5.42 -25.62
CA ARG A 391 6.58 5.07 -26.96
C ARG A 391 8.08 5.37 -27.08
N ALA A 392 8.56 6.41 -26.37
CA ALA A 392 9.98 6.77 -26.37
C ALA A 392 10.83 5.89 -25.44
N GLY A 393 10.24 4.93 -24.72
CA GLY A 393 10.98 3.91 -23.97
C GLY A 393 11.03 4.17 -22.46
N ASP A 394 10.37 5.24 -21.99
CA ASP A 394 10.30 5.59 -20.57
C ASP A 394 9.24 4.74 -19.90
N GLU A 395 9.34 4.62 -18.56
CA GLU A 395 8.31 3.98 -17.76
C GLU A 395 7.38 5.06 -17.20
N VAL A 396 6.08 4.77 -17.19
CA VAL A 396 5.07 5.66 -16.58
C VAL A 396 4.22 4.87 -15.57
N TRP A 397 4.27 5.37 -14.34
CA TRP A 397 3.46 4.95 -13.21
C TRP A 397 2.47 6.07 -12.86
N PHE A 398 1.74 5.97 -11.72
CA PHE A 398 1.06 7.13 -11.15
C PHE A 398 0.99 7.01 -9.61
N TYR A 399 0.67 8.14 -8.95
CA TYR A 399 0.44 8.13 -7.51
C TYR A 399 -0.86 8.85 -7.15
N THR A 400 -1.30 8.63 -5.90
CA THR A 400 -2.35 9.41 -5.26
C THR A 400 -1.91 9.83 -3.86
N CYS A 401 -2.55 10.87 -3.30
CA CYS A 401 -2.15 11.37 -1.99
C CYS A 401 -3.33 12.16 -1.42
N ILE A 402 -3.05 13.25 -0.72
CA ILE A 402 -4.08 14.24 -0.35
C ILE A 402 -4.94 14.59 -1.57
N TYR A 403 -4.28 14.70 -2.74
CA TYR A 403 -4.93 14.82 -4.04
C TYR A 403 -4.63 13.64 -4.94
N PRO A 404 -5.53 13.32 -5.90
CA PRO A 404 -6.77 14.08 -6.12
C PRO A 404 -7.89 13.73 -5.14
N GLN A 405 -8.87 14.64 -5.08
CA GLN A 405 -10.10 14.41 -4.34
C GLN A 405 -11.23 14.35 -5.36
N GLY A 406 -12.41 14.86 -5.02
CA GLY A 406 -13.55 14.73 -5.94
C GLY A 406 -13.91 13.28 -6.23
N GLU A 407 -14.10 12.96 -7.52
CA GLU A 407 -14.59 11.66 -7.97
C GLU A 407 -13.46 10.70 -8.30
N TYR A 408 -12.19 11.16 -8.21
CA TYR A 408 -11.08 10.24 -8.45
C TYR A 408 -10.96 9.18 -7.34
N ALA A 409 -10.49 7.98 -7.75
CA ALA A 409 -10.14 6.88 -6.86
C ALA A 409 -8.96 7.29 -5.97
N ASN A 410 -9.02 6.84 -4.72
CA ASN A 410 -7.99 7.08 -3.72
C ASN A 410 -8.23 6.03 -2.62
N ARG A 411 -7.44 6.12 -1.51
CA ARG A 411 -7.54 5.18 -0.39
C ARG A 411 -8.00 5.90 0.88
N PHE A 412 -8.84 6.96 0.74
CA PHE A 412 -9.40 7.62 1.91
C PHE A 412 -10.43 6.72 2.61
N ILE A 413 -10.48 6.81 3.93
CA ILE A 413 -11.34 5.96 4.75
C ILE A 413 -12.84 6.24 4.42
N GLU A 414 -13.17 7.48 4.10
CA GLU A 414 -14.54 7.88 3.72
C GLU A 414 -15.04 7.31 2.39
N GLN A 415 -14.14 6.78 1.56
CA GLN A 415 -14.49 6.27 0.24
C GLN A 415 -14.91 4.79 0.33
N PRO A 416 -15.77 4.32 -0.60
CA PRO A 416 -15.95 2.89 -0.81
C PRO A 416 -14.62 2.14 -1.03
N LEU A 417 -14.53 0.93 -0.45
CA LEU A 417 -13.30 0.14 -0.52
C LEU A 417 -12.91 -0.17 -1.97
N LEU A 418 -13.90 -0.34 -2.89
CA LEU A 418 -13.54 -0.62 -4.28
C LEU A 418 -12.73 0.51 -4.92
N LYS A 419 -12.77 1.74 -4.40
CA LYS A 419 -11.96 2.81 -5.00
C LYS A 419 -10.47 2.57 -4.71
N THR A 420 -10.14 1.84 -3.62
CA THR A 420 -8.76 1.44 -3.32
C THR A 420 -8.33 0.34 -4.28
N ARG A 421 -9.18 -0.69 -4.41
CA ARG A 421 -8.90 -1.84 -5.25
C ARG A 421 -8.83 -1.43 -6.74
N LEU A 422 -9.74 -0.57 -7.21
CA LEU A 422 -9.82 -0.24 -8.63
C LEU A 422 -8.68 0.68 -9.06
N LEU A 423 -7.87 1.23 -8.12
CA LEU A 423 -6.68 1.96 -8.57
C LEU A 423 -5.84 1.09 -9.54
N HIS A 424 -5.76 -0.22 -9.30
CA HIS A 424 -4.93 -1.11 -10.11
C HIS A 424 -5.66 -1.57 -11.39
N TRP A 425 -7.00 -1.40 -11.44
CA TRP A 425 -7.77 -1.51 -12.68
C TRP A 425 -7.53 -0.28 -13.59
N ILE A 426 -7.36 0.89 -12.98
CA ILE A 426 -6.88 2.06 -13.72
C ILE A 426 -5.50 1.77 -14.32
N ASN A 427 -4.58 1.21 -13.53
CA ASN A 427 -3.29 0.82 -14.09
C ASN A 427 -3.48 -0.05 -15.34
N TYR A 428 -4.39 -1.03 -15.26
CA TYR A 428 -4.57 -1.96 -16.38
C TYR A 428 -5.16 -1.27 -17.62
N ARG A 429 -6.29 -0.55 -17.43
CA ARG A 429 -7.02 0.06 -18.54
C ARG A 429 -6.08 0.96 -19.34
N TYR A 430 -5.29 1.80 -18.65
CA TYR A 430 -4.55 2.86 -19.30
C TYR A 430 -3.05 2.55 -19.53
N GLY A 431 -2.59 1.38 -19.10
CA GLY A 431 -1.26 0.86 -19.44
C GLY A 431 -0.12 1.46 -18.58
N MET A 432 -0.47 2.02 -17.40
CA MET A 432 0.51 2.48 -16.40
C MET A 432 1.02 1.28 -15.60
N THR A 433 2.35 1.11 -15.54
CA THR A 433 3.01 -0.16 -15.21
C THR A 433 3.47 -0.17 -13.76
N GLY A 434 3.08 0.88 -13.01
CA GLY A 434 3.37 0.85 -11.57
C GLY A 434 2.54 1.86 -10.80
N TYR A 435 2.58 1.78 -9.46
CA TYR A 435 1.81 2.63 -8.58
C TYR A 435 2.68 3.02 -7.37
N LEU A 436 2.58 4.30 -6.96
CA LEU A 436 3.33 4.79 -5.80
C LEU A 436 2.35 5.42 -4.80
N HIS A 437 2.62 5.24 -3.50
CA HIS A 437 1.97 6.00 -2.46
C HIS A 437 3.02 6.32 -1.38
N TRP A 438 2.95 7.54 -0.82
CA TRP A 438 3.89 8.02 0.19
C TRP A 438 3.59 7.49 1.60
N GLY A 439 2.42 6.87 1.80
CA GLY A 439 1.80 6.79 3.13
C GLY A 439 1.64 5.38 3.66
N TYR A 440 2.74 4.65 3.83
CA TYR A 440 2.61 3.31 4.40
C TYR A 440 2.27 3.39 5.90
N ASN A 441 3.06 4.16 6.68
CA ASN A 441 2.98 4.13 8.14
C ASN A 441 3.39 5.48 8.77
N GLN A 442 2.95 6.62 8.19
CA GLN A 442 3.51 7.91 8.58
C GLN A 442 2.79 8.46 9.81
N TRP A 443 2.85 7.66 10.89
CA TRP A 443 2.21 8.02 12.14
C TRP A 443 2.89 9.23 12.78
N GLY A 444 2.10 10.14 13.34
CA GLY A 444 2.63 11.28 14.08
C GLY A 444 2.75 10.99 15.59
N LYS A 445 2.88 12.07 16.37
CA LYS A 445 3.02 11.95 17.81
C LYS A 445 1.69 11.57 18.45
N ASP A 446 0.54 11.92 17.82
CA ASP A 446 -0.75 11.51 18.34
C ASP A 446 -1.07 10.11 17.84
N SER A 447 -1.90 9.37 18.61
CA SER A 447 -2.25 8.01 18.21
C SER A 447 -3.05 8.03 16.92
N PRO A 448 -2.66 7.19 15.92
CA PRO A 448 -3.44 7.07 14.67
C PRO A 448 -4.81 6.42 14.84
N PHE A 449 -5.02 5.77 15.99
CA PHE A 449 -6.31 5.17 16.29
C PHE A 449 -7.31 6.23 16.75
N THR A 450 -6.85 7.39 17.29
CA THR A 450 -7.74 8.39 17.88
C THR A 450 -7.67 9.75 17.21
N HIS A 451 -6.59 10.01 16.47
CA HIS A 451 -6.36 11.24 15.72
C HIS A 451 -6.14 10.88 14.24
N THR A 452 -7.22 10.85 13.44
CA THR A 452 -7.19 10.26 12.12
C THR A 452 -6.83 11.28 11.03
N THR A 453 -6.93 12.59 11.34
CA THR A 453 -6.66 13.68 10.40
C THR A 453 -5.39 14.39 10.85
N LYS A 454 -4.28 14.01 10.19
CA LYS A 454 -2.99 14.57 10.57
C LYS A 454 -2.84 16.00 10.02
N GLN A 455 -2.13 16.84 10.78
CA GLN A 455 -1.78 18.21 10.42
C GLN A 455 -0.86 18.24 9.19
N HIS A 456 -1.16 19.13 8.22
CA HIS A 456 -0.33 19.35 7.02
C HIS A 456 0.06 20.84 6.96
N THR A 457 0.40 21.33 5.77
CA THR A 457 0.93 22.68 5.55
C THR A 457 -0.07 23.74 6.03
N GLY A 458 0.40 24.66 6.88
CA GLY A 458 -0.42 25.74 7.42
C GLY A 458 -1.69 25.24 8.13
N GLN A 459 -2.86 25.53 7.53
CA GLN A 459 -4.17 25.14 8.05
C GLN A 459 -4.70 23.85 7.41
N GLN A 460 -3.98 23.27 6.43
CA GLN A 460 -4.44 22.06 5.76
C GLN A 460 -4.34 20.90 6.76
N TYR A 461 -5.20 19.91 6.57
CA TYR A 461 -5.03 18.60 7.22
C TYR A 461 -5.08 17.54 6.14
N LEU A 462 -4.55 16.36 6.47
CA LEU A 462 -4.60 15.21 5.57
C LEU A 462 -5.87 14.41 5.81
N PRO A 463 -6.63 14.08 4.74
CA PRO A 463 -7.85 13.28 4.88
C PRO A 463 -7.52 11.93 5.50
N ALA A 464 -8.43 11.43 6.36
CA ALA A 464 -8.24 10.14 6.99
C ALA A 464 -8.00 9.06 5.94
N GLY A 465 -6.94 8.26 6.14
CA GLY A 465 -6.54 7.20 5.24
C GLY A 465 -5.26 7.56 4.47
N ASP A 466 -4.96 8.86 4.35
CA ASP A 466 -3.83 9.27 3.51
C ASP A 466 -2.47 8.91 4.12
N PRO A 467 -2.11 9.32 5.37
CA PRO A 467 -0.75 9.11 5.88
C PRO A 467 -0.37 7.69 6.27
N TRP A 468 -1.35 6.81 6.54
CA TRP A 468 -1.02 5.40 6.88
C TRP A 468 -2.07 4.41 6.38
N ILE A 469 -1.58 3.24 5.90
CA ILE A 469 -2.43 2.14 5.50
C ILE A 469 -2.27 0.95 6.49
N VAL A 470 -1.20 1.01 7.29
CA VAL A 470 -1.04 0.09 8.42
C VAL A 470 -1.04 0.88 9.72
N TYR A 471 -1.30 0.16 10.81
CA TYR A 471 -1.37 0.73 12.15
C TYR A 471 -0.29 0.12 13.05
N PRO A 472 0.07 0.82 14.17
CA PRO A 472 1.05 0.27 15.09
C PRO A 472 0.45 -0.78 16.03
N GLY A 473 0.90 -2.02 15.89
CA GLY A 473 0.55 -3.10 16.78
C GLY A 473 1.48 -3.13 17.99
N ARG A 474 1.43 -4.22 18.75
CA ARG A 474 2.30 -4.31 19.92
C ARG A 474 3.79 -4.34 19.52
N ASP A 475 4.12 -5.10 18.44
CA ASP A 475 5.49 -5.26 18.01
C ASP A 475 5.67 -5.33 16.49
N GLY A 476 4.70 -4.81 15.73
CA GLY A 476 4.84 -4.72 14.29
C GLY A 476 3.58 -4.08 13.69
N PRO A 477 3.50 -3.98 12.36
CA PRO A 477 2.32 -3.39 11.71
C PRO A 477 1.06 -4.26 11.80
N LEU A 478 -0.09 -3.57 11.94
CA LEU A 478 -1.43 -4.15 11.77
C LEU A 478 -1.96 -3.66 10.43
N ASP A 479 -2.60 -4.56 9.71
CA ASP A 479 -3.24 -4.19 8.47
C ASP A 479 -4.49 -3.34 8.74
N SER A 480 -4.85 -2.55 7.72
CA SER A 480 -6.20 -2.03 7.56
C SER A 480 -6.95 -2.85 6.51
N ILE A 481 -8.29 -2.69 6.46
CA ILE A 481 -9.06 -3.27 5.36
C ILE A 481 -8.62 -2.73 3.99
N ARG A 482 -8.12 -1.49 3.98
CA ARG A 482 -7.66 -0.88 2.74
C ARG A 482 -6.37 -1.56 2.25
N HIS A 483 -5.49 -1.93 3.18
CA HIS A 483 -4.31 -2.70 2.82
C HIS A 483 -4.70 -4.00 2.11
N GLU A 484 -5.72 -4.69 2.66
CA GLU A 484 -6.24 -5.91 2.07
C GLU A 484 -6.75 -5.64 0.65
N ALA A 485 -7.52 -4.56 0.46
CA ALA A 485 -8.13 -4.26 -0.84
C ALA A 485 -7.06 -3.92 -1.89
N MET A 486 -6.01 -3.22 -1.45
CA MET A 486 -4.87 -2.89 -2.30
C MET A 486 -4.15 -4.15 -2.83
N CYS A 487 -3.77 -5.07 -1.93
CA CYS A 487 -3.20 -6.35 -2.27
C CYS A 487 -4.09 -7.08 -3.30
N ASP A 488 -5.42 -7.11 -3.09
CA ASP A 488 -6.36 -7.81 -3.95
C ASP A 488 -6.34 -7.20 -5.35
N GLY A 489 -6.29 -5.84 -5.44
CA GLY A 489 -6.26 -5.17 -6.72
C GLY A 489 -4.97 -5.44 -7.51
N ILE A 490 -3.82 -5.56 -6.80
CA ILE A 490 -2.54 -5.86 -7.43
C ILE A 490 -2.59 -7.26 -8.08
N ALA A 491 -3.24 -8.23 -7.42
CA ALA A 491 -3.48 -9.54 -8.00
C ALA A 491 -4.47 -9.45 -9.17
N ASP A 492 -5.54 -8.65 -9.06
CA ASP A 492 -6.47 -8.42 -10.16
C ASP A 492 -5.72 -7.95 -11.42
N TYR A 493 -4.78 -7.01 -11.26
CA TYR A 493 -3.97 -6.55 -12.37
C TYR A 493 -3.24 -7.72 -13.06
N GLU A 494 -2.64 -8.66 -12.28
CA GLU A 494 -1.93 -9.79 -12.84
C GLU A 494 -2.91 -10.68 -13.63
N LEU A 495 -4.10 -10.96 -13.07
CA LEU A 495 -5.12 -11.76 -13.77
C LEU A 495 -5.54 -11.13 -15.10
N LEU A 496 -5.86 -9.84 -15.10
CA LEU A 496 -6.24 -9.13 -16.31
C LEU A 496 -5.11 -9.18 -17.34
N SER A 497 -3.85 -9.04 -16.87
CA SER A 497 -2.69 -9.11 -17.75
C SER A 497 -2.54 -10.50 -18.39
N MET A 498 -2.78 -11.56 -17.61
CA MET A 498 -2.76 -12.94 -18.11
C MET A 498 -3.88 -13.11 -19.14
N LEU A 499 -5.09 -12.60 -18.85
CA LEU A 499 -6.17 -12.69 -19.84
C LEU A 499 -5.82 -11.93 -21.11
N GLY A 500 -5.25 -10.73 -20.99
CA GLY A 500 -4.98 -9.88 -22.14
C GLY A 500 -3.93 -10.46 -23.08
N GLU A 501 -3.04 -11.32 -22.57
CA GLU A 501 -2.08 -12.04 -23.39
C GLU A 501 -2.81 -12.96 -24.39
N ARG A 502 -3.92 -13.58 -23.95
CA ARG A 502 -4.64 -14.60 -24.71
C ARG A 502 -5.80 -13.96 -25.48
N ASP A 503 -6.51 -13.04 -24.83
CA ASP A 503 -7.74 -12.48 -25.35
C ASP A 503 -7.78 -11.00 -24.95
N PRO A 504 -7.05 -10.11 -25.68
CA PRO A 504 -7.03 -8.68 -25.38
C PRO A 504 -8.39 -8.00 -25.39
N GLU A 505 -9.30 -8.41 -26.28
CA GLU A 505 -10.65 -7.84 -26.34
C GLU A 505 -11.49 -8.17 -25.11
N ALA A 506 -11.37 -9.40 -24.60
CA ALA A 506 -12.07 -9.82 -23.38
C ALA A 506 -11.53 -9.06 -22.15
N ALA A 507 -10.20 -8.87 -22.05
CA ALA A 507 -9.60 -8.11 -20.95
C ALA A 507 -10.07 -6.65 -20.95
N LYS A 508 -10.08 -6.02 -22.13
CA LYS A 508 -10.61 -4.68 -22.30
C LYS A 508 -12.08 -4.59 -21.88
N ARG A 509 -12.91 -5.54 -22.31
CA ARG A 509 -14.33 -5.48 -21.95
C ARG A 509 -14.50 -5.51 -20.43
N LEU A 510 -13.73 -6.40 -19.78
CA LEU A 510 -13.90 -6.59 -18.34
C LEU A 510 -13.37 -5.37 -17.57
N VAL A 511 -12.20 -4.84 -17.94
CA VAL A 511 -11.72 -3.69 -17.19
C VAL A 511 -12.66 -2.50 -17.42
N ASN A 512 -13.23 -2.39 -18.63
CA ASN A 512 -14.06 -1.24 -18.98
C ASN A 512 -15.40 -1.24 -18.20
N ARG A 513 -15.81 -2.40 -17.67
CA ARG A 513 -17.00 -2.45 -16.83
C ARG A 513 -16.86 -1.68 -15.52
N HIS A 514 -15.62 -1.50 -15.01
CA HIS A 514 -15.45 -0.85 -13.72
C HIS A 514 -14.68 0.48 -13.81
N VAL A 515 -13.80 0.62 -14.81
CA VAL A 515 -13.08 1.88 -15.03
C VAL A 515 -13.67 2.47 -16.31
N LEU A 516 -14.54 3.45 -16.11
CA LEU A 516 -15.35 4.08 -17.14
C LEU A 516 -14.57 5.26 -17.73
N ASP A 517 -13.71 5.92 -16.92
CA ASP A 517 -12.81 6.97 -17.33
C ASP A 517 -11.76 7.06 -16.22
N PHE A 518 -10.82 8.01 -16.29
CA PHE A 518 -9.84 8.16 -15.23
C PHE A 518 -10.48 8.48 -13.87
N ASP A 519 -11.63 9.19 -13.92
CA ASP A 519 -12.34 9.72 -12.76
C ASP A 519 -13.79 9.22 -12.65
N ARG A 520 -14.12 8.07 -13.25
CA ARG A 520 -15.46 7.55 -13.19
C ARG A 520 -15.43 6.02 -13.18
N TYR A 521 -16.16 5.41 -12.23
CA TYR A 521 -16.07 3.97 -11.98
C TYR A 521 -17.45 3.37 -11.74
N ASN A 522 -17.54 2.04 -11.84
CA ASN A 522 -18.63 1.25 -11.28
C ASN A 522 -18.18 0.49 -10.02
N CYS A 523 -18.60 0.99 -8.84
CA CYS A 523 -18.26 0.46 -7.51
C CYS A 523 -19.40 -0.40 -6.95
N ASN A 524 -20.33 -0.82 -7.81
CA ASN A 524 -21.33 -1.80 -7.41
C ASN A 524 -20.68 -3.16 -7.13
N VAL A 525 -20.75 -3.61 -5.88
CA VAL A 525 -20.03 -4.79 -5.43
C VAL A 525 -20.55 -6.05 -6.11
N GLU A 526 -21.89 -6.19 -6.23
CA GLU A 526 -22.44 -7.36 -6.91
C GLU A 526 -21.91 -7.46 -8.34
N ALA A 527 -21.91 -6.32 -9.07
CA ALA A 527 -21.41 -6.21 -10.44
C ALA A 527 -19.94 -6.65 -10.50
N PHE A 528 -19.14 -6.14 -9.55
CA PHE A 528 -17.71 -6.45 -9.44
C PHE A 528 -17.46 -7.94 -9.26
N ARG A 529 -18.25 -8.58 -8.39
CA ARG A 529 -18.11 -10.00 -8.16
C ARG A 529 -18.46 -10.81 -9.41
N ALA A 530 -19.45 -10.34 -10.18
CA ALA A 530 -19.79 -10.96 -11.47
C ALA A 530 -18.62 -10.85 -12.46
N THR A 531 -18.01 -9.66 -12.57
CA THR A 531 -16.83 -9.47 -13.43
C THR A 531 -15.68 -10.39 -12.99
N ARG A 532 -15.37 -10.44 -11.69
CA ARG A 532 -14.33 -11.34 -11.16
C ARG A 532 -14.57 -12.78 -11.56
N LEU A 533 -15.82 -13.24 -11.44
CA LEU A 533 -16.14 -14.61 -11.76
C LEU A 533 -15.94 -14.85 -13.26
N GLU A 534 -16.34 -13.91 -14.12
CA GLU A 534 -16.08 -14.12 -15.54
C GLU A 534 -14.57 -14.20 -15.83
N LEU A 535 -13.77 -13.34 -15.17
CA LEU A 535 -12.33 -13.33 -15.34
C LEU A 535 -11.72 -14.68 -14.96
N LEU A 536 -12.12 -15.23 -13.81
CA LEU A 536 -11.64 -16.50 -13.32
C LEU A 536 -12.09 -17.66 -14.24
N GLU A 537 -13.35 -17.63 -14.71
CA GLU A 537 -13.89 -18.67 -15.60
C GLU A 537 -13.17 -18.67 -16.96
N LEU A 538 -12.97 -17.47 -17.54
CA LEU A 538 -12.23 -17.36 -18.80
C LEU A 538 -10.80 -17.88 -18.68
N LEU A 539 -10.12 -17.58 -17.57
CA LEU A 539 -8.74 -18.03 -17.41
C LEU A 539 -8.60 -19.52 -17.00
N SER A 540 -9.61 -20.17 -16.41
CA SER A 540 -9.41 -21.48 -15.79
C SER A 540 -9.22 -22.62 -16.83
C1 GNL B . 2.57 14.19 -1.57
S1 GNL B . 2.53 12.51 -2.30
C2 GNL B . 4.03 14.24 -1.04
N2 GNL B . 4.87 13.52 -2.03
C3 GNL B . 4.18 13.61 0.35
O3 GNL B . 5.48 13.86 0.91
C4 GNL B . 3.09 14.08 1.30
O4 GNL B . 3.18 15.49 1.60
C5 GNL B . 1.71 13.79 0.67
O5 GNL B . 1.58 14.45 -0.61
C6 GNL B . 0.52 14.25 1.51
O6 GNL B . -0.69 13.59 1.02
C7 GNL B . 4.24 12.59 -2.64
C8 GNL B . 4.85 11.59 -3.57
C1 GOL C . 33.93 21.58 19.10
O1 GOL C . 33.00 20.55 19.43
C2 GOL C . 33.51 22.39 17.89
O2 GOL C . 34.41 23.47 17.69
C3 GOL C . 33.45 21.58 16.60
O3 GOL C . 32.96 22.37 15.53
S SO4 D . 7.03 7.85 -31.59
O1 SO4 D . 5.59 8.03 -31.76
O2 SO4 D . 7.33 6.41 -31.58
O3 SO4 D . 7.75 8.51 -32.65
O4 SO4 D . 7.43 8.42 -30.33
S SO4 E . -14.06 -31.01 -5.22
O1 SO4 E . -14.74 -31.48 -6.39
O2 SO4 E . -14.72 -31.46 -4.01
O3 SO4 E . -12.71 -31.55 -5.23
O4 SO4 E . -14.05 -29.56 -5.25
CL CL F . -24.33 10.46 6.99
#